data_2RJZ
#
_entry.id   2RJZ
#
_cell.length_a   70.471
_cell.length_b   70.471
_cell.length_c   116.876
_cell.angle_alpha   90.000
_cell.angle_beta   90.000
_cell.angle_gamma   120.000
#
_symmetry.space_group_name_H-M   'P 64'
#
loop_
_entity.id
_entity.type
_entity.pdbx_description
1 polymer 'PilO protein'
2 non-polymer 'SULFATE ION'
3 water water
#
_entity_poly.entity_id   1
_entity_poly.type   'polypeptide(L)'
_entity_poly.pdbx_seq_one_letter_code
;MSLKQQFSTKAFQAANLEAYKAQMKEMEESFGALLRQLPSDTEVPGLLEDITRTGLGSGLEFEEIKLLPEVAQQFYIELP
IQISVVGGYHDLATFVSGVSSLPRIVTLHDFEIKPVAPGSTSKLRMSILAKTYRYNDKGEGHHHHHH
;
_entity_poly.pdbx_strand_id   A,B
#
# COMPACT_ATOMS: atom_id res chain seq x y z
N SER A 2 8.37 3.30 0.62
CA SER A 2 7.76 2.64 1.81
C SER A 2 7.30 3.64 2.88
N LEU A 3 6.53 3.15 3.86
CA LEU A 3 6.15 3.95 5.02
C LEU A 3 7.37 4.46 5.82
N LYS A 4 8.37 3.59 6.00
CA LYS A 4 9.61 3.94 6.70
C LYS A 4 10.40 5.02 5.96
N GLN A 5 10.44 4.93 4.64
CA GLN A 5 11.06 5.98 3.84
C GLN A 5 10.36 7.32 4.05
N GLN A 6 9.03 7.26 4.17
CA GLN A 6 8.21 8.45 4.40
C GLN A 6 8.51 9.06 5.77
N PHE A 7 8.54 8.26 6.85
CA PHE A 7 8.96 8.80 8.15
C PHE A 7 10.40 9.30 8.16
N SER A 8 11.32 8.59 7.49
CA SER A 8 12.72 9.03 7.33
C SER A 8 12.82 10.38 6.66
N THR A 9 12.20 10.46 5.50
CA THR A 9 12.15 11.70 4.73
C THR A 9 11.69 12.87 5.62
N LYS A 10 10.75 12.59 6.53
CA LYS A 10 10.04 13.62 7.29
C LYS A 10 10.69 13.88 8.66
N ALA A 11 11.79 13.19 8.93
CA ALA A 11 12.50 13.26 10.22
C ALA A 11 12.96 14.67 10.62
N PHE A 12 13.43 15.46 9.66
CA PHE A 12 13.88 16.83 9.94
C PHE A 12 12.76 17.71 10.54
N GLN A 13 11.51 17.26 10.37
CA GLN A 13 10.29 17.94 10.85
C GLN A 13 9.86 17.57 12.26
N ALA A 14 10.49 16.54 12.82
CA ALA A 14 10.16 16.09 14.16
C ALA A 14 10.55 17.16 15.18
N ALA A 15 9.65 17.40 16.15
CA ALA A 15 9.90 18.36 17.21
C ALA A 15 11.17 17.97 18.01
N ASN A 16 11.35 16.67 18.21
CA ASN A 16 12.54 16.13 18.85
C ASN A 16 13.07 14.91 18.04
N LEU A 17 14.16 15.12 17.29
CA LEU A 17 14.66 14.07 16.41
C LEU A 17 14.96 12.78 17.16
N GLU A 18 15.76 12.91 18.22
CA GLU A 18 16.14 11.79 19.06
C GLU A 18 14.94 10.91 19.47
N ALA A 19 13.88 11.53 19.98
CA ALA A 19 12.66 10.83 20.33
C ALA A 19 11.92 10.18 19.11
N TYR A 20 11.94 10.87 17.96
CA TYR A 20 11.26 10.41 16.75
C TYR A 20 11.95 9.16 16.22
N LYS A 21 13.27 9.21 16.12
CA LYS A 21 14.04 8.03 15.73
C LYS A 21 13.76 6.85 16.63
N ALA A 22 13.61 7.11 17.93
CA ALA A 22 13.42 6.06 18.93
C ALA A 22 12.07 5.43 18.72
N GLN A 23 11.07 6.24 18.36
CA GLN A 23 9.74 5.68 17.99
C GLN A 23 9.72 4.93 16.64
N MET A 24 10.46 5.43 15.65
CA MET A 24 10.60 4.70 14.37
C MET A 24 11.13 3.30 14.72
N LYS A 25 12.16 3.27 15.55
CA LYS A 25 12.82 2.02 15.93
C LYS A 25 11.89 1.07 16.74
N GLU A 26 11.02 1.61 17.59
CA GLU A 26 10.02 0.79 18.32
C GLU A 26 8.85 0.25 17.45
N MET A 27 8.40 1.05 16.48
CA MET A 27 7.46 0.59 15.47
C MET A 27 8.07 -0.58 14.70
N GLU A 28 9.30 -0.39 14.23
CA GLU A 28 10.01 -1.44 13.48
C GLU A 28 10.21 -2.70 14.32
N GLU A 29 10.65 -2.52 15.57
CA GLU A 29 10.91 -3.65 16.45
C GLU A 29 9.61 -4.44 16.70
N SER A 30 8.53 -3.71 16.96
CA SER A 30 7.21 -4.31 17.08
C SER A 30 6.75 -5.05 15.83
N PHE A 31 7.02 -4.48 14.66
CA PHE A 31 6.65 -5.13 13.42
C PHE A 31 7.40 -6.46 13.31
N GLY A 32 8.71 -6.46 13.58
CA GLY A 32 9.53 -7.66 13.60
C GLY A 32 9.08 -8.67 14.67
N ALA A 33 8.73 -8.22 15.87
CA ALA A 33 8.24 -9.14 16.91
C ALA A 33 6.96 -9.84 16.45
N LEU A 34 6.06 -9.12 15.77
CA LEU A 34 4.86 -9.75 15.19
C LEU A 34 5.19 -10.80 14.13
N LEU A 35 6.09 -10.47 13.21
CA LEU A 35 6.47 -11.43 12.19
C LEU A 35 7.08 -12.71 12.77
N ARG A 36 7.83 -12.57 13.86
CA ARG A 36 8.57 -13.66 14.49
C ARG A 36 7.61 -14.61 15.27
N GLN A 37 6.49 -14.05 15.73
CA GLN A 37 5.41 -14.83 16.35
C GLN A 37 4.65 -15.67 15.32
N LEU A 38 4.86 -15.36 14.04
CA LEU A 38 4.23 -16.06 12.94
C LEU A 38 5.25 -16.98 12.26
N PRO A 39 4.77 -17.93 11.42
CA PRO A 39 5.74 -18.65 10.57
C PRO A 39 6.00 -17.90 9.25
N SER A 40 6.35 -16.61 9.35
CA SER A 40 6.47 -15.75 8.16
C SER A 40 7.66 -16.08 7.25
N ASP A 41 8.68 -16.74 7.80
CA ASP A 41 9.80 -17.23 6.96
C ASP A 41 9.43 -18.49 6.14
N THR A 42 8.13 -18.78 6.06
CA THR A 42 7.58 -19.94 5.36
C THR A 42 6.38 -19.54 4.50
N GLU A 43 6.08 -18.25 4.51
CA GLU A 43 4.83 -17.74 3.93
C GLU A 43 4.89 -17.45 2.44
N VAL A 44 6.09 -17.28 1.88
CA VAL A 44 6.22 -16.95 0.45
C VAL A 44 5.52 -17.93 -0.50
N PRO A 45 5.73 -19.26 -0.34
CA PRO A 45 5.08 -20.18 -1.28
C PRO A 45 3.56 -20.18 -1.15
N GLY A 46 3.09 -20.07 0.10
CA GLY A 46 1.67 -19.95 0.39
C GLY A 46 1.12 -18.64 -0.16
N LEU A 47 1.88 -17.56 0.01
CA LEU A 47 1.49 -16.28 -0.58
C LEU A 47 1.31 -16.40 -2.11
N LEU A 48 2.33 -16.95 -2.77
CA LEU A 48 2.27 -17.14 -4.22
C LEU A 48 1.10 -17.98 -4.66
N GLU A 49 0.82 -19.02 -3.88
CA GLU A 49 -0.36 -19.85 -4.14
C GLU A 49 -1.67 -19.02 -4.05
N ASP A 50 -1.82 -18.19 -3.02
CA ASP A 50 -3.04 -17.38 -2.85
C ASP A 50 -3.15 -16.29 -3.89
N ILE A 51 -2.04 -15.63 -4.19
CA ILE A 51 -2.03 -14.64 -5.26
C ILE A 51 -2.50 -15.28 -6.55
N THR A 52 -2.00 -16.48 -6.84
CA THR A 52 -2.28 -17.15 -8.14
C THR A 52 -3.75 -17.51 -8.26
N ARG A 53 -4.27 -18.07 -7.16
CA ARG A 53 -5.65 -18.47 -7.08
C ARG A 53 -6.57 -17.27 -7.18
N THR A 54 -6.18 -16.15 -6.55
CA THR A 54 -6.98 -14.90 -6.57
C THR A 54 -7.04 -14.35 -7.97
N GLY A 55 -5.89 -14.39 -8.66
CA GLY A 55 -5.79 -13.99 -10.07
C GLY A 55 -6.67 -14.84 -10.97
N LEU A 56 -6.47 -16.17 -10.91
CA LEU A 56 -7.35 -17.09 -11.61
C LEU A 56 -8.84 -16.85 -11.27
N GLY A 57 -9.15 -16.65 -9.99
CA GLY A 57 -10.54 -16.39 -9.56
C GLY A 57 -11.09 -15.14 -10.18
N SER A 58 -10.22 -14.17 -10.49
CA SER A 58 -10.70 -12.93 -11.10
C SER A 58 -10.73 -12.99 -12.62
N GLY A 59 -10.41 -14.14 -13.21
CA GLY A 59 -10.43 -14.27 -14.68
C GLY A 59 -9.21 -13.67 -15.34
N LEU A 60 -8.09 -13.68 -14.63
CA LEU A 60 -6.86 -13.14 -15.15
C LEU A 60 -5.96 -14.30 -15.56
N GLU A 61 -5.10 -14.08 -16.56
CA GLU A 61 -3.95 -14.98 -16.77
C GLU A 61 -2.63 -14.42 -16.24
N PHE A 62 -1.83 -15.28 -15.63
CA PHE A 62 -0.51 -14.91 -15.16
C PHE A 62 0.54 -15.05 -16.22
N GLU A 63 1.38 -14.05 -16.37
CA GLU A 63 2.49 -14.15 -17.29
C GLU A 63 3.81 -14.42 -16.58
N GLU A 64 3.97 -13.81 -15.41
CA GLU A 64 5.26 -13.80 -14.72
C GLU A 64 5.14 -13.42 -13.25
N ILE A 65 5.91 -14.12 -12.43
CA ILE A 65 6.14 -13.73 -11.05
C ILE A 65 7.64 -13.62 -10.87
N LYS A 66 8.06 -12.41 -10.52
CA LYS A 66 9.46 -12.12 -10.44
C LYS A 66 9.78 -11.77 -9.01
N LEU A 67 10.62 -12.59 -8.41
CA LEU A 67 11.07 -12.36 -7.04
C LEU A 67 12.33 -11.54 -7.14
N LEU A 68 12.33 -10.42 -6.44
CA LEU A 68 13.42 -9.47 -6.52
C LEU A 68 14.31 -9.62 -5.27
N PRO A 69 15.52 -9.06 -5.29
CA PRO A 69 16.41 -9.15 -4.12
C PRO A 69 15.77 -8.67 -2.80
N GLU A 70 15.94 -9.46 -1.74
CA GLU A 70 15.57 -9.08 -0.37
C GLU A 70 16.24 -7.79 0.07
N VAL A 71 15.51 -6.97 0.82
CA VAL A 71 16.11 -5.78 1.43
C VAL A 71 15.94 -5.83 2.93
N ALA A 72 17.06 -5.91 3.63
CA ALA A 72 17.06 -5.99 5.08
C ALA A 72 16.99 -4.61 5.76
N GLN A 73 16.12 -4.51 6.76
CA GLN A 73 16.16 -3.43 7.72
C GLN A 73 16.69 -4.06 8.99
N GLN A 74 16.66 -3.33 10.09
CA GLN A 74 17.16 -3.87 11.35
C GLN A 74 16.37 -5.08 11.87
N PHE A 75 15.04 -4.98 11.89
CA PHE A 75 14.24 -6.01 12.55
C PHE A 75 13.37 -6.86 11.62
N TYR A 76 13.40 -6.55 10.33
CA TYR A 76 12.60 -7.27 9.35
C TYR A 76 13.27 -7.14 8.00
N ILE A 77 12.96 -8.10 7.13
CA ILE A 77 13.48 -8.14 5.78
C ILE A 77 12.28 -8.12 4.83
N GLU A 78 12.34 -7.26 3.82
CA GLU A 78 11.28 -7.20 2.84
C GLU A 78 11.64 -8.02 1.62
N LEU A 79 10.60 -8.63 1.04
CA LEU A 79 10.77 -9.50 -0.11
C LEU A 79 9.83 -8.98 -1.19
N PRO A 80 10.37 -8.23 -2.17
CA PRO A 80 9.57 -7.66 -3.27
C PRO A 80 9.26 -8.68 -4.35
N ILE A 81 7.99 -8.76 -4.73
CA ILE A 81 7.51 -9.68 -5.74
C ILE A 81 6.77 -8.86 -6.80
N GLN A 82 7.30 -8.87 -8.01
CA GLN A 82 6.65 -8.23 -9.15
C GLN A 82 5.77 -9.19 -9.94
N ILE A 83 4.48 -8.86 -10.02
CA ILE A 83 3.48 -9.67 -10.69
C ILE A 83 3.02 -9.06 -12.01
N SER A 84 3.08 -9.84 -13.09
CA SER A 84 2.49 -9.50 -14.38
C SER A 84 1.30 -10.37 -14.71
N VAL A 85 0.16 -9.72 -14.92
CA VAL A 85 -1.09 -10.40 -15.25
C VAL A 85 -1.72 -9.71 -16.47
N VAL A 86 -2.68 -10.39 -17.08
CA VAL A 86 -3.40 -9.90 -18.27
C VAL A 86 -4.89 -10.22 -18.03
N GLY A 87 -5.76 -9.24 -18.29
CA GLY A 87 -7.20 -9.46 -18.31
C GLY A 87 -7.97 -8.16 -18.48
N GLY A 88 -9.26 -8.18 -18.15
CA GLY A 88 -10.13 -7.01 -18.31
C GLY A 88 -10.02 -6.00 -17.19
N TYR A 89 -10.51 -4.79 -17.43
CA TYR A 89 -10.27 -3.69 -16.49
C TYR A 89 -10.89 -3.86 -15.09
N HIS A 90 -12.09 -4.43 -15.03
CA HIS A 90 -12.78 -4.73 -13.77
C HIS A 90 -12.04 -5.83 -13.02
N ASP A 91 -11.58 -6.84 -13.77
CA ASP A 91 -10.98 -8.04 -13.21
C ASP A 91 -9.65 -7.71 -12.51
N LEU A 92 -8.84 -6.88 -13.17
CA LEU A 92 -7.63 -6.30 -12.57
C LEU A 92 -7.85 -5.65 -11.19
N ALA A 93 -8.93 -4.87 -11.05
CA ALA A 93 -9.15 -4.13 -9.80
C ALA A 93 -9.61 -5.08 -8.71
N THR A 94 -10.46 -6.03 -9.08
CA THR A 94 -10.93 -7.05 -8.12
C THR A 94 -9.77 -7.94 -7.64
N PHE A 95 -8.89 -8.30 -8.56
CA PHE A 95 -7.65 -9.00 -8.22
C PHE A 95 -6.83 -8.22 -7.19
N VAL A 96 -6.59 -6.95 -7.44
CA VAL A 96 -5.81 -6.10 -6.52
C VAL A 96 -6.50 -6.07 -5.14
N SER A 97 -7.81 -5.93 -5.19
CA SER A 97 -8.62 -5.90 -3.98
C SER A 97 -8.60 -7.25 -3.23
N GLY A 98 -8.62 -8.36 -3.95
CA GLY A 98 -8.63 -9.68 -3.31
C GLY A 98 -7.29 -10.00 -2.64
N VAL A 99 -6.19 -9.61 -3.31
CA VAL A 99 -4.86 -9.84 -2.78
C VAL A 99 -4.71 -9.04 -1.48
N SER A 100 -5.28 -7.83 -1.46
CA SER A 100 -5.05 -6.98 -0.29
C SER A 100 -5.89 -7.43 0.89
N SER A 101 -6.96 -8.20 0.60
CA SER A 101 -7.81 -8.85 1.62
C SER A 101 -7.41 -10.26 2.03
N LEU A 102 -6.23 -10.72 1.62
CA LEU A 102 -5.74 -12.06 1.97
C LEU A 102 -5.27 -12.18 3.41
N PRO A 103 -5.37 -13.39 4.01
CA PRO A 103 -4.89 -13.57 5.37
C PRO A 103 -3.38 -13.76 5.39
N ARG A 104 -2.67 -12.78 4.83
CA ARG A 104 -1.21 -12.79 4.70
C ARG A 104 -0.72 -11.37 4.95
N ILE A 105 0.55 -11.25 5.35
CA ILE A 105 1.19 -9.97 5.54
C ILE A 105 1.77 -9.60 4.17
N VAL A 106 0.98 -8.87 3.39
CA VAL A 106 1.36 -8.51 2.03
C VAL A 106 0.89 -7.09 1.74
N THR A 107 1.78 -6.25 1.25
CA THR A 107 1.40 -4.88 0.90
C THR A 107 1.55 -4.74 -0.62
N LEU A 108 0.74 -3.86 -1.19
CA LEU A 108 0.78 -3.62 -2.62
C LEU A 108 1.27 -2.23 -2.89
N HIS A 109 2.01 -2.08 -4.00
CA HIS A 109 2.73 -0.81 -4.23
C HIS A 109 2.45 -0.25 -5.62
N ASP A 110 3.44 0.27 -6.32
CA ASP A 110 3.23 0.79 -7.63
C ASP A 110 2.78 -0.27 -8.64
N PHE A 111 1.96 0.17 -9.59
CA PHE A 111 1.45 -0.68 -10.63
C PHE A 111 1.41 0.14 -11.91
N GLU A 112 1.45 -0.54 -13.05
CA GLU A 112 1.35 0.09 -14.34
C GLU A 112 0.55 -0.82 -15.25
N ILE A 113 -0.35 -0.21 -16.01
CA ILE A 113 -1.24 -0.91 -16.92
C ILE A 113 -0.94 -0.53 -18.36
N LYS A 114 -1.03 -1.52 -19.25
CA LYS A 114 -0.93 -1.29 -20.68
C LYS A 114 -1.85 -2.25 -21.46
N PRO A 115 -2.57 -1.75 -22.48
CA PRO A 115 -3.27 -2.63 -23.43
C PRO A 115 -2.32 -3.61 -24.14
N VAL A 116 -2.81 -4.83 -24.33
CA VAL A 116 -2.06 -5.88 -25.00
C VAL A 116 -1.98 -5.63 -26.51
N ALA A 117 -3.08 -5.19 -27.10
CA ALA A 117 -3.18 -5.03 -28.54
C ALA A 117 -3.85 -3.71 -28.91
N PRO A 118 -3.55 -3.17 -30.12
CA PRO A 118 -4.22 -1.97 -30.65
C PRO A 118 -5.72 -2.19 -30.79
N GLY A 119 -6.51 -1.20 -30.36
CA GLY A 119 -7.98 -1.26 -30.43
C GLY A 119 -8.66 -2.06 -29.33
N SER A 120 -7.85 -2.68 -28.47
CA SER A 120 -8.34 -3.59 -27.42
C SER A 120 -8.38 -2.88 -26.09
N THR A 121 -9.45 -3.18 -25.33
CA THR A 121 -9.62 -2.68 -23.97
C THR A 121 -10.12 -3.84 -23.07
N SER A 122 -10.34 -5.01 -23.68
CA SER A 122 -10.79 -6.20 -22.93
C SER A 122 -9.61 -7.02 -22.42
N LYS A 123 -8.45 -6.87 -23.06
CA LYS A 123 -7.22 -7.43 -22.52
C LYS A 123 -6.16 -6.35 -22.21
N LEU A 124 -5.98 -6.09 -20.90
CA LEU A 124 -4.92 -5.23 -20.40
C LEU A 124 -3.85 -5.99 -19.62
N ARG A 125 -2.62 -5.53 -19.76
CA ARG A 125 -1.51 -6.06 -19.03
C ARG A 125 -1.23 -5.14 -17.85
N MET A 126 -1.18 -5.70 -16.64
CA MET A 126 -0.78 -4.96 -15.44
C MET A 126 0.49 -5.57 -14.85
N SER A 127 1.47 -4.73 -14.56
CA SER A 127 2.57 -5.11 -13.68
C SER A 127 2.39 -4.44 -12.31
N ILE A 128 2.44 -5.20 -11.23
CA ILE A 128 2.26 -4.64 -9.88
C ILE A 128 3.33 -5.16 -8.92
N LEU A 129 3.84 -4.29 -8.07
CA LEU A 129 4.78 -4.73 -7.03
C LEU A 129 4.06 -5.05 -5.69
N ALA A 130 4.25 -6.28 -5.21
CA ALA A 130 3.78 -6.71 -3.91
C ALA A 130 5.01 -6.87 -3.05
N LYS A 131 4.82 -6.82 -1.72
CA LYS A 131 5.92 -7.11 -0.81
C LYS A 131 5.43 -7.94 0.32
N THR A 132 6.28 -8.85 0.74
CA THR A 132 6.05 -9.50 1.97
C THR A 132 7.31 -9.33 2.85
N TYR A 133 7.23 -9.80 4.08
CA TYR A 133 8.20 -9.47 5.09
C TYR A 133 8.46 -10.68 6.01
N ARG A 134 9.67 -10.76 6.52
CA ARG A 134 9.97 -11.73 7.56
C ARG A 134 10.86 -11.08 8.62
N TYR A 135 10.83 -11.63 9.83
CA TYR A 135 11.77 -11.22 10.88
C TYR A 135 13.23 -11.27 10.39
N ASN A 136 14.00 -10.23 10.69
CA ASN A 136 15.43 -10.25 10.38
C ASN A 136 16.20 -11.13 11.36
N SER B 2 -6.18 -3.94 5.23
CA SER B 2 -5.13 -3.07 5.83
C SER B 2 -4.17 -3.97 6.57
N LEU B 3 -2.99 -3.45 6.90
CA LEU B 3 -2.00 -4.21 7.67
C LEU B 3 -2.54 -4.75 9.01
N LYS B 4 -3.28 -3.91 9.73
CA LYS B 4 -3.80 -4.27 11.02
C LYS B 4 -4.75 -5.44 10.84
N GLN B 5 -5.57 -5.38 9.79
CA GLN B 5 -6.50 -6.46 9.49
C GLN B 5 -5.75 -7.75 9.16
N GLN B 6 -4.63 -7.65 8.45
CA GLN B 6 -3.86 -8.84 8.09
C GLN B 6 -3.30 -9.49 9.36
N PHE B 7 -2.77 -8.67 10.26
CA PHE B 7 -2.27 -9.20 11.52
C PHE B 7 -3.38 -9.83 12.40
N SER B 8 -4.57 -9.20 12.47
CA SER B 8 -5.66 -9.72 13.33
C SER B 8 -6.04 -11.08 12.83
N THR B 9 -6.18 -11.16 11.51
CA THR B 9 -6.59 -12.36 10.81
C THR B 9 -5.63 -13.51 11.10
N LYS B 10 -4.34 -13.21 11.20
CA LYS B 10 -3.35 -14.25 11.39
C LYS B 10 -3.08 -14.52 12.89
N ALA B 11 -3.86 -13.88 13.76
CA ALA B 11 -3.60 -13.96 15.20
C ALA B 11 -3.64 -15.39 15.73
N PHE B 12 -4.46 -16.25 15.14
CA PHE B 12 -4.61 -17.65 15.61
C PHE B 12 -3.31 -18.42 15.51
N GLN B 13 -2.42 -17.95 14.64
CA GLN B 13 -1.12 -18.57 14.36
C GLN B 13 -0.03 -18.21 15.37
N ALA B 14 -0.26 -17.15 16.14
CA ALA B 14 0.75 -16.66 17.09
C ALA B 14 1.01 -17.65 18.24
N ALA B 15 2.29 -17.94 18.46
CA ALA B 15 2.73 -18.77 19.59
C ALA B 15 2.12 -18.33 20.93
N ASN B 16 1.98 -17.02 21.12
CA ASN B 16 1.46 -16.46 22.37
C ASN B 16 0.48 -15.34 22.02
N LEU B 17 -0.82 -15.61 22.20
CA LEU B 17 -1.85 -14.70 21.73
C LEU B 17 -1.89 -13.34 22.42
N GLU B 18 -1.68 -13.30 23.74
N GLU B 18 -1.65 -13.29 23.73
CA GLU B 18 -1.69 -12.02 24.47
CA GLU B 18 -1.71 -12.00 24.42
C GLU B 18 -0.44 -11.17 24.18
C GLU B 18 -0.43 -11.17 24.22
N ALA B 19 0.67 -11.85 23.87
CA ALA B 19 1.89 -11.15 23.49
C ALA B 19 1.75 -10.54 22.08
N TYR B 20 1.14 -11.28 21.16
CA TYR B 20 0.85 -10.81 19.82
C TYR B 20 -0.08 -9.58 19.82
N LYS B 21 -1.17 -9.68 20.57
CA LYS B 21 -2.08 -8.55 20.84
C LYS B 21 -1.34 -7.31 21.38
N ALA B 22 -0.44 -7.49 22.36
CA ALA B 22 0.42 -6.39 22.87
C ALA B 22 1.44 -5.83 21.84
N GLN B 23 1.95 -6.68 20.96
CA GLN B 23 2.85 -6.20 19.92
C GLN B 23 2.07 -5.39 18.85
N MET B 24 0.87 -5.85 18.49
CA MET B 24 0.00 -5.10 17.61
C MET B 24 -0.24 -3.70 18.17
N LYS B 25 -0.64 -3.64 19.46
CA LYS B 25 -0.96 -2.39 20.16
C LYS B 25 0.24 -1.40 20.23
N GLU B 26 1.41 -1.93 20.57
CA GLU B 26 2.64 -1.14 20.58
C GLU B 26 3.01 -0.61 19.19
N MET B 27 2.72 -1.40 18.15
CA MET B 27 2.95 -0.97 16.79
C MET B 27 2.11 0.28 16.47
N GLU B 28 0.82 0.20 16.77
CA GLU B 28 -0.11 1.33 16.57
C GLU B 28 0.23 2.55 17.38
N GLU B 29 0.64 2.33 18.64
CA GLU B 29 1.02 3.39 19.57
C GLU B 29 2.21 4.17 19.06
N SER B 30 3.22 3.45 18.57
CA SER B 30 4.41 4.06 17.99
C SER B 30 4.05 4.84 16.73
N PHE B 31 3.19 4.26 15.89
CA PHE B 31 2.69 4.97 14.73
C PHE B 31 2.03 6.29 15.19
N GLY B 32 1.15 6.19 16.18
CA GLY B 32 0.47 7.36 16.78
C GLY B 32 1.45 8.40 17.30
N ALA B 33 2.52 7.95 17.97
CA ALA B 33 3.55 8.86 18.50
C ALA B 33 4.39 9.58 17.42
N LEU B 34 4.64 8.92 16.29
CA LEU B 34 5.39 9.57 15.19
C LEU B 34 4.53 10.65 14.51
N LEU B 35 3.27 10.36 14.26
CA LEU B 35 2.34 11.37 13.75
C LEU B 35 2.21 12.64 14.62
N ARG B 36 2.29 12.45 15.94
CA ARG B 36 2.15 13.52 16.92
C ARG B 36 3.40 14.40 16.92
N GLN B 37 4.57 13.75 16.79
CA GLN B 37 5.87 14.38 16.61
C GLN B 37 5.99 15.33 15.40
N LEU B 38 5.15 15.15 14.40
CA LEU B 38 5.31 15.84 13.12
C LEU B 38 4.41 17.06 13.13
N PRO B 39 4.74 18.08 12.29
CA PRO B 39 4.01 19.37 12.36
C PRO B 39 2.48 19.28 12.28
N GLU B 43 -0.96 19.22 7.45
CA GLU B 43 -0.48 18.48 6.30
C GLU B 43 -1.53 18.35 5.19
N VAL B 44 -2.81 18.36 5.54
CA VAL B 44 -3.85 18.09 4.53
C VAL B 44 -3.88 19.04 3.33
N PRO B 45 -3.90 20.38 3.56
CA PRO B 45 -3.71 21.31 2.43
C PRO B 45 -2.47 21.04 1.59
N GLY B 46 -1.33 20.80 2.24
CA GLY B 46 -0.09 20.48 1.56
C GLY B 46 -0.12 19.15 0.81
N LEU B 47 -0.76 18.15 1.40
CA LEU B 47 -0.96 16.88 0.72
C LEU B 47 -1.84 17.07 -0.52
N LEU B 48 -2.94 17.80 -0.37
CA LEU B 48 -3.78 18.10 -1.51
C LEU B 48 -3.00 18.82 -2.60
N GLU B 49 -2.15 19.76 -2.21
CA GLU B 49 -1.29 20.50 -3.14
C GLU B 49 -0.34 19.53 -3.89
N ASP B 50 0.37 18.72 -3.11
CA ASP B 50 1.30 17.70 -3.64
C ASP B 50 0.65 16.71 -4.61
N ILE B 51 -0.48 16.13 -4.23
CA ILE B 51 -1.26 15.26 -5.12
C ILE B 51 -1.66 15.92 -6.46
N THR B 52 -2.20 17.14 -6.39
CA THR B 52 -2.64 17.83 -7.60
C THR B 52 -1.44 18.18 -8.46
N ARG B 53 -0.37 18.65 -7.82
CA ARG B 53 0.85 18.94 -8.56
C ARG B 53 1.42 17.68 -9.25
N THR B 54 1.35 16.55 -8.55
CA THR B 54 1.89 15.32 -9.10
C THR B 54 1.10 14.97 -10.37
N GLY B 55 -0.23 15.04 -10.25
CA GLY B 55 -1.11 14.62 -11.34
C GLY B 55 -1.01 15.57 -12.50
N LEU B 56 -0.97 16.86 -12.21
CA LEU B 56 -0.80 17.84 -13.30
C LEU B 56 0.56 17.66 -13.99
N GLY B 57 1.62 17.49 -13.20
CA GLY B 57 2.94 17.23 -13.81
C GLY B 57 3.00 15.99 -14.68
N SER B 58 2.21 14.99 -14.33
CA SER B 58 2.09 13.78 -15.15
C SER B 58 1.17 13.89 -16.38
N GLY B 59 0.60 15.06 -16.66
CA GLY B 59 -0.28 15.20 -17.81
C GLY B 59 -1.70 14.67 -17.62
N LEU B 60 -2.14 14.56 -16.36
CA LEU B 60 -3.48 14.06 -16.10
C LEU B 60 -4.51 15.19 -15.99
N GLU B 61 -5.77 14.87 -16.21
CA GLU B 61 -6.83 15.76 -15.79
C GLU B 61 -7.43 15.24 -14.48
N PHE B 62 -7.57 16.11 -13.48
CA PHE B 62 -8.37 15.78 -12.31
C PHE B 62 -9.84 15.92 -12.57
N GLU B 63 -10.64 15.19 -11.80
CA GLU B 63 -12.07 15.35 -11.88
C GLU B 63 -12.53 15.69 -10.48
N GLU B 64 -12.52 14.73 -9.57
CA GLU B 64 -12.73 15.07 -8.17
C GLU B 64 -11.75 14.51 -7.18
N ILE B 65 -11.69 15.25 -6.08
CA ILE B 65 -11.01 14.85 -4.88
C ILE B 65 -12.06 14.90 -3.76
N LYS B 66 -12.47 13.72 -3.28
CA LYS B 66 -13.47 13.60 -2.24
C LYS B 66 -12.81 13.29 -0.92
N LEU B 67 -13.04 14.15 0.07
CA LEU B 67 -12.60 13.87 1.44
C LEU B 67 -13.69 13.08 2.15
N LEU B 68 -13.40 11.82 2.46
CA LEU B 68 -14.40 10.93 3.08
C LEU B 68 -14.38 11.05 4.62
N PRO B 69 -15.46 10.58 5.30
CA PRO B 69 -15.39 10.67 6.78
C PRO B 69 -14.19 9.93 7.39
N GLU B 70 -13.50 10.61 8.31
CA GLU B 70 -12.42 10.01 9.09
C GLU B 70 -12.82 8.71 9.77
N VAL B 71 -11.85 7.80 9.93
CA VAL B 71 -12.06 6.55 10.66
C VAL B 71 -10.99 6.43 11.74
N ALA B 72 -11.44 6.51 13.00
CA ALA B 72 -10.56 6.48 14.16
C ALA B 72 -10.13 5.06 14.55
N GLN B 73 -8.86 4.91 14.88
CA GLN B 73 -8.40 3.78 15.67
C GLN B 73 -7.98 4.39 17.00
N GLN B 74 -7.55 3.55 17.95
CA GLN B 74 -7.24 4.04 19.27
C GLN B 74 -6.16 5.12 19.28
N PHE B 75 -5.07 4.90 18.51
CA PHE B 75 -3.91 5.81 18.55
C PHE B 75 -3.73 6.77 17.35
N TYR B 76 -4.48 6.56 16.27
CA TYR B 76 -4.37 7.39 15.07
C TYR B 76 -5.72 7.47 14.35
N ILE B 77 -5.90 8.48 13.52
CA ILE B 77 -7.14 8.61 12.74
C ILE B 77 -6.76 8.59 11.24
N GLU B 78 -7.43 7.75 10.44
CA GLU B 78 -7.29 7.76 8.97
C GLU B 78 -8.15 8.83 8.34
N LEU B 79 -7.61 9.50 7.32
CA LEU B 79 -8.39 10.43 6.49
CA LEU B 79 -8.38 10.43 6.52
C LEU B 79 -8.40 9.91 5.07
N PRO B 80 -9.50 9.25 4.66
CA PRO B 80 -9.50 8.75 3.28
C PRO B 80 -9.77 9.87 2.28
N ILE B 81 -9.10 9.80 1.14
CA ILE B 81 -9.27 10.75 0.06
C ILE B 81 -9.46 10.00 -1.25
N GLN B 82 -10.64 10.14 -1.83
CA GLN B 82 -10.90 9.49 -3.07
C GLN B 82 -10.57 10.41 -4.27
N ILE B 83 -9.59 9.98 -5.06
CA ILE B 83 -9.05 10.77 -6.15
C ILE B 83 -9.43 10.18 -7.52
N SER B 84 -10.10 10.98 -8.36
CA SER B 84 -10.47 10.62 -9.74
C SER B 84 -9.71 11.47 -10.74
N VAL B 85 -9.04 10.80 -11.64
CA VAL B 85 -8.20 11.44 -12.63
C VAL B 85 -8.46 10.77 -13.96
N VAL B 86 -7.96 11.38 -15.04
CA VAL B 86 -8.00 10.76 -16.37
C VAL B 86 -6.76 11.17 -17.20
N GLY B 87 -6.27 10.22 -17.99
CA GLY B 87 -5.07 10.40 -18.75
C GLY B 87 -4.64 9.10 -19.36
N GLY B 88 -3.47 9.09 -19.96
CA GLY B 88 -2.93 7.91 -20.59
C GLY B 88 -2.36 6.92 -19.58
N TYR B 89 -2.07 5.72 -20.08
CA TYR B 89 -1.69 4.57 -19.27
C TYR B 89 -0.41 4.80 -18.45
N HIS B 90 0.63 5.32 -19.12
CA HIS B 90 1.91 5.60 -18.49
C HIS B 90 1.81 6.77 -17.50
N ASP B 91 1.13 7.83 -17.92
CA ASP B 91 0.90 9.00 -17.08
C ASP B 91 0.16 8.63 -15.78
N LEU B 92 -0.82 7.74 -15.87
CA LEU B 92 -1.47 7.24 -14.65
C LEU B 92 -0.44 6.55 -13.75
N ALA B 93 0.48 5.82 -14.35
CA ALA B 93 1.54 5.11 -13.61
C ALA B 93 2.52 6.05 -12.93
N THR B 94 2.99 7.08 -13.63
CA THR B 94 3.89 8.07 -13.00
C THR B 94 3.20 8.88 -11.90
N PHE B 95 1.89 9.08 -12.03
CA PHE B 95 1.08 9.73 -10.97
C PHE B 95 1.10 8.82 -9.74
N VAL B 96 0.76 7.56 -9.94
CA VAL B 96 0.73 6.58 -8.86
C VAL B 96 2.08 6.53 -8.08
N SER B 97 3.22 6.42 -8.77
CA SER B 97 4.51 6.40 -8.07
C SER B 97 4.91 7.73 -7.49
N GLY B 98 4.60 8.82 -8.18
CA GLY B 98 4.87 10.15 -7.63
C GLY B 98 4.17 10.33 -6.30
N VAL B 99 2.91 9.90 -6.23
CA VAL B 99 2.13 10.05 -5.01
C VAL B 99 2.61 9.08 -3.89
N SER B 100 2.95 7.84 -4.25
CA SER B 100 3.31 6.90 -3.19
C SER B 100 4.65 7.28 -2.55
N SER B 101 5.46 8.09 -3.23
CA SER B 101 6.78 8.45 -2.73
C SER B 101 6.88 9.89 -2.24
N LEU B 102 5.71 10.55 -2.02
CA LEU B 102 5.66 11.94 -1.52
C LEU B 102 6.27 12.09 -0.16
N PRO B 103 6.82 13.30 0.16
CA PRO B 103 7.28 13.46 1.53
C PRO B 103 6.08 13.72 2.45
N ARG B 104 5.16 12.74 2.50
CA ARG B 104 3.94 12.83 3.30
C ARG B 104 3.70 11.45 3.85
N ILE B 105 2.86 11.34 4.86
CA ILE B 105 2.40 10.05 5.31
C ILE B 105 1.13 9.77 4.51
N VAL B 106 1.30 9.08 3.39
CA VAL B 106 0.15 8.77 2.53
C VAL B 106 0.25 7.35 2.02
N THR B 107 -0.87 6.63 2.07
CA THR B 107 -0.90 5.27 1.52
C THR B 107 -1.94 5.21 0.41
N LEU B 108 -1.74 4.31 -0.53
CA LEU B 108 -2.69 4.10 -1.61
C LEU B 108 -3.37 2.73 -1.42
N HIS B 109 -4.59 2.62 -1.91
CA HIS B 109 -5.43 1.48 -1.60
C HIS B 109 -6.08 0.98 -2.90
N ASP B 110 -7.32 0.52 -2.85
CA ASP B 110 -8.03 0.08 -4.07
C ASP B 110 -8.21 1.17 -5.13
N PHE B 111 -8.36 0.74 -6.37
CA PHE B 111 -8.67 1.63 -7.45
C PHE B 111 -9.73 0.95 -8.31
N GLU B 112 -10.35 1.75 -9.18
CA GLU B 112 -11.20 1.25 -10.25
C GLU B 112 -10.80 2.02 -11.46
N ILE B 113 -10.83 1.34 -12.62
CA ILE B 113 -10.51 1.96 -13.91
C ILE B 113 -11.58 1.67 -14.97
N LYS B 114 -11.65 2.55 -15.96
CA LYS B 114 -12.58 2.36 -17.07
C LYS B 114 -12.09 3.22 -18.23
N PRO B 115 -12.16 2.67 -19.46
CA PRO B 115 -11.81 3.48 -20.64
C PRO B 115 -12.69 4.70 -20.74
N VAL B 116 -12.13 5.76 -21.32
CA VAL B 116 -12.89 6.92 -21.75
C VAL B 116 -13.82 6.49 -22.90
N ALA B 117 -13.29 5.65 -23.79
CA ALA B 117 -14.02 5.11 -24.96
C ALA B 117 -13.80 3.61 -25.06
N PRO B 118 -14.90 2.82 -25.13
CA PRO B 118 -14.88 1.34 -24.92
C PRO B 118 -13.83 0.58 -25.75
N THR B 121 -6.79 2.38 -26.57
CA THR B 121 -5.61 2.98 -25.95
C THR B 121 -5.86 4.44 -25.55
N SER B 122 -4.77 5.15 -25.26
CA SER B 122 -4.81 6.52 -24.76
C SER B 122 -5.49 6.51 -23.41
N LYS B 123 -6.69 7.08 -23.34
CA LYS B 123 -7.29 7.42 -22.06
C LYS B 123 -7.91 6.27 -21.26
N LEU B 124 -7.70 6.36 -19.95
CA LEU B 124 -8.31 5.52 -18.97
C LEU B 124 -8.79 6.47 -17.85
N ARG B 125 -9.96 6.22 -17.29
CA ARG B 125 -10.35 6.94 -16.08
C ARG B 125 -9.99 6.07 -14.88
N MET B 126 -9.37 6.68 -13.89
CA MET B 126 -8.96 6.00 -12.67
C MET B 126 -9.55 6.73 -11.47
N SER B 127 -10.19 5.95 -10.61
CA SER B 127 -10.52 6.42 -9.29
C SER B 127 -9.69 5.61 -8.30
N ILE B 128 -8.93 6.28 -7.44
CA ILE B 128 -8.09 5.60 -6.44
C ILE B 128 -8.30 6.15 -5.02
N LEU B 129 -8.35 5.26 -4.03
CA LEU B 129 -8.43 5.66 -2.63
C LEU B 129 -7.05 5.86 -2.00
N ALA B 130 -6.81 7.06 -1.48
CA ALA B 130 -5.60 7.36 -0.72
C ALA B 130 -5.96 7.55 0.72
N LYS B 131 -5.02 7.32 1.63
CA LYS B 131 -5.26 7.64 3.03
C LYS B 131 -4.08 8.38 3.62
N THR B 132 -4.40 9.37 4.45
CA THR B 132 -3.39 10.00 5.30
C THR B 132 -3.87 9.79 6.73
N TYR B 133 -3.08 10.23 7.70
CA TYR B 133 -3.30 9.85 9.08
C TYR B 133 -2.92 10.97 10.04
N ARG B 134 -3.56 10.97 11.20
CA ARG B 134 -3.15 11.85 12.31
C ARG B 134 -3.29 11.13 13.63
N TYR B 135 -2.53 11.55 14.63
CA TYR B 135 -2.64 11.02 15.98
CA TYR B 135 -2.66 10.97 15.95
C TYR B 135 -4.07 11.23 16.49
N ASN B 136 -4.59 10.25 17.21
CA ASN B 136 -5.93 10.35 17.82
C ASN B 136 -5.93 11.27 19.04
#